data_6CZG
#
_entry.id   6CZG
#
_cell.length_a   84.920
_cell.length_b   35.314
_cell.length_c   59.554
_cell.angle_alpha   90.000
_cell.angle_beta   90.870
_cell.angle_gamma   90.000
#
_symmetry.space_group_name_H-M   'C 1 2 1'
#
loop_
_entity.id
_entity.type
_entity.pdbx_description
1 polymer b11L5F_LGL
2 water water
#
_entity_poly.entity_id   1
_entity_poly.type   'polypeptide(L)'
_entity_poly.pdbx_seq_one_letter_code
;GSSMCRAASLLPGTWQVTMTNEDGQTSQGQMHFQPRSPYTLDVKAQGTISDGRPISGKGKVTCKTPDTMDVDITYPSLGN
MKVQGQLTLDSPTQFKFDGTTSDGSKLTGTLQRQE
;
_entity_poly.pdbx_strand_id   A,B
#
# COMPACT_ATOMS: atom_id res chain seq x y z
N SER A 2 15.12 -12.10 7.54
CA SER A 2 14.14 -12.30 8.61
C SER A 2 12.89 -11.46 8.36
N SER A 3 11.77 -12.12 8.12
CA SER A 3 10.51 -11.47 7.79
C SER A 3 9.38 -12.43 8.15
N MET A 4 8.14 -11.98 7.91
CA MET A 4 6.96 -12.76 8.25
C MET A 4 6.41 -13.53 7.05
N CYS A 5 7.09 -13.50 5.91
CA CYS A 5 6.74 -14.35 4.78
C CYS A 5 8.00 -14.59 3.95
N ARG A 6 8.12 -15.82 3.43
CA ARG A 6 9.34 -16.26 2.76
C ARG A 6 9.76 -15.31 1.64
N ALA A 7 8.79 -14.87 0.83
CA ALA A 7 9.10 -13.95 -0.27
C ALA A 7 9.78 -12.69 0.23
N ALA A 8 9.27 -12.10 1.31
CA ALA A 8 9.91 -10.91 1.87
C ALA A 8 11.31 -11.22 2.37
N SER A 9 11.55 -12.45 2.83
CA SER A 9 12.90 -12.82 3.27
C SER A 9 13.85 -12.98 2.11
N LEU A 10 13.36 -13.37 0.94
CA LEU A 10 14.21 -13.62 -0.22
C LEU A 10 14.34 -12.44 -1.16
N LEU A 11 13.48 -11.42 -1.02
CA LEU A 11 13.45 -10.29 -1.95
C LEU A 11 14.57 -9.26 -1.83
N PRO A 12 15.12 -8.96 -0.64
CA PRO A 12 16.11 -7.87 -0.56
C PRO A 12 17.26 -8.02 -1.53
N GLY A 13 17.60 -6.92 -2.21
CA GLY A 13 18.69 -6.91 -3.16
C GLY A 13 18.22 -6.39 -4.51
N THR A 14 19.01 -6.68 -5.55
CA THR A 14 18.78 -6.15 -6.88
C THR A 14 18.34 -7.26 -7.83
N TRP A 15 17.36 -6.96 -8.67
CA TRP A 15 16.81 -7.91 -9.63
C TRP A 15 16.77 -7.29 -11.02
N GLN A 16 17.22 -8.05 -12.01
CA GLN A 16 17.03 -7.68 -13.42
C GLN A 16 15.62 -8.05 -13.83
N VAL A 17 14.85 -7.04 -14.24
CA VAL A 17 13.41 -7.18 -14.47
C VAL A 17 13.14 -7.03 -15.96
N THR A 18 12.36 -7.96 -16.52
CA THR A 18 11.90 -7.89 -17.90
C THR A 18 10.38 -7.90 -17.92
N MET A 19 9.78 -6.92 -18.61
CA MET A 19 8.34 -6.72 -18.60
C MET A 19 7.76 -6.76 -20.00
N THR A 20 6.50 -7.21 -20.06
CA THR A 20 5.72 -7.28 -21.29
C THR A 20 4.29 -6.87 -20.99
N ASN A 21 3.71 -6.03 -21.84
CA ASN A 21 2.34 -5.58 -21.69
C ASN A 21 1.43 -6.40 -22.59
N GLU A 22 0.15 -6.01 -22.67
CA GLU A 22 -0.81 -6.77 -23.46
C GLU A 22 -0.55 -6.63 -24.96
N ASP A 23 0.00 -5.51 -25.39
CA ASP A 23 0.24 -5.24 -26.80
C ASP A 23 1.62 -5.69 -27.27
N GLY A 24 2.29 -6.55 -26.50
CA GLY A 24 3.56 -7.10 -26.91
C GLY A 24 4.77 -6.22 -26.69
N GLN A 25 4.60 -4.99 -26.24
CA GLN A 25 5.74 -4.13 -25.95
C GLN A 25 6.48 -4.65 -24.72
N THR A 26 7.80 -4.54 -24.75
CA THR A 26 8.64 -5.03 -23.66
C THR A 26 9.49 -3.89 -23.10
N SER A 27 10.06 -4.15 -21.93
CA SER A 27 10.98 -3.22 -21.29
C SER A 27 11.85 -4.01 -20.32
N GLN A 28 12.94 -3.38 -19.87
CA GLN A 28 13.84 -4.04 -18.95
C GLN A 28 14.44 -3.00 -18.02
N GLY A 29 14.92 -3.47 -16.87
CA GLY A 29 15.54 -2.57 -15.92
C GLY A 29 15.93 -3.32 -14.66
N GLN A 30 16.00 -2.57 -13.56
CA GLN A 30 16.38 -3.12 -12.27
C GLN A 30 15.35 -2.76 -11.22
N MET A 31 15.20 -3.64 -10.23
CA MET A 31 14.34 -3.41 -9.08
C MET A 31 15.12 -3.72 -7.82
N HIS A 32 15.16 -2.77 -6.89
CA HIS A 32 15.90 -2.89 -5.64
C HIS A 32 14.93 -2.96 -4.47
N PHE A 33 15.11 -3.96 -3.62
CA PHE A 33 14.26 -4.17 -2.45
C PHE A 33 15.09 -4.02 -1.18
N GLN A 34 14.61 -3.17 -0.27
CA GLN A 34 15.21 -2.95 1.03
C GLN A 34 14.18 -3.19 2.13
N PRO A 35 14.55 -3.89 3.20
CA PRO A 35 13.58 -4.19 4.27
C PRO A 35 13.09 -2.91 4.94
N ARG A 36 11.76 -2.80 5.07
CA ARG A 36 11.11 -1.72 5.79
C ARG A 36 10.43 -2.19 7.07
N SER A 37 9.83 -3.37 7.05
CA SER A 37 9.21 -3.96 8.22
C SER A 37 9.13 -5.47 7.99
N PRO A 38 8.97 -6.26 9.07
CA PRO A 38 8.82 -7.71 8.89
C PRO A 38 7.70 -8.11 7.93
N TYR A 39 6.86 -7.17 7.51
CA TYR A 39 5.77 -7.43 6.59
C TYR A 39 5.93 -6.71 5.26
N THR A 40 6.82 -5.72 5.15
CA THR A 40 6.91 -4.89 3.96
C THR A 40 8.36 -4.58 3.61
N LEU A 41 8.59 -4.32 2.33
CA LEU A 41 9.87 -3.84 1.83
C LEU A 41 9.62 -2.64 0.93
N ASP A 42 10.61 -1.75 0.84
CA ASP A 42 10.57 -0.67 -0.13
C ASP A 42 11.15 -1.15 -1.45
N VAL A 43 10.49 -0.78 -2.55
CA VAL A 43 10.91 -1.18 -3.88
C VAL A 43 11.24 0.06 -4.69
N LYS A 44 12.38 0.04 -5.37
CA LYS A 44 12.79 1.09 -6.30
C LYS A 44 13.00 0.46 -7.67
N ALA A 45 12.27 0.95 -8.66
CA ALA A 45 12.35 0.46 -10.03
C ALA A 45 13.11 1.48 -10.87
N GLN A 46 14.10 1.02 -11.61
CA GLN A 46 14.89 1.88 -12.49
C GLN A 46 14.85 1.31 -13.91
N GLY A 47 14.75 2.20 -14.89
CA GLY A 47 14.69 1.78 -16.27
C GLY A 47 14.99 2.92 -17.20
N THR A 48 14.79 2.65 -18.50
CA THR A 48 15.08 3.61 -19.56
C THR A 48 13.97 3.50 -20.60
N ILE A 49 13.50 4.64 -21.08
CA ILE A 49 12.47 4.67 -22.11
C ILE A 49 13.08 5.10 -23.43
N SER A 50 12.39 4.72 -24.51
CA SER A 50 12.73 4.99 -25.92
C SER A 50 14.09 5.63 -26.15
N ASP A 51 15.15 4.86 -25.93
CA ASP A 51 16.52 5.26 -26.29
C ASP A 51 16.94 6.58 -25.63
N GLY A 52 16.87 6.61 -24.30
CA GLY A 52 17.50 7.73 -23.61
C GLY A 52 17.09 8.03 -22.18
N ARG A 53 15.95 8.68 -22.00
CA ARG A 53 15.57 9.24 -20.70
C ARG A 53 15.45 8.17 -19.62
N PRO A 54 16.26 8.22 -18.56
CA PRO A 54 16.09 7.29 -17.45
C PRO A 54 14.82 7.62 -16.67
N ILE A 55 14.15 6.57 -16.20
CA ILE A 55 12.89 6.71 -15.49
C ILE A 55 12.93 5.82 -14.25
N SER A 56 12.45 6.36 -13.13
CA SER A 56 12.46 5.64 -11.87
C SER A 56 11.08 5.71 -11.23
N GLY A 57 10.85 4.75 -10.34
CA GLY A 57 9.63 4.72 -9.54
C GLY A 57 9.94 4.13 -8.18
N LYS A 58 9.06 4.40 -7.23
CA LYS A 58 9.24 3.93 -5.87
C LYS A 58 7.92 3.48 -5.29
N GLY A 59 7.98 2.51 -4.39
CA GLY A 59 6.79 2.02 -3.73
C GLY A 59 7.12 1.00 -2.66
N LYS A 60 6.16 0.12 -2.36
CA LYS A 60 6.35 -0.89 -1.32
C LYS A 60 5.74 -2.20 -1.77
N VAL A 61 6.31 -3.29 -1.26
CA VAL A 61 5.79 -4.63 -1.45
C VAL A 61 5.42 -5.19 -0.09
N THR A 62 4.28 -5.87 -0.03
CA THR A 62 3.69 -6.33 1.23
C THR A 62 3.43 -7.83 1.15
N CYS A 63 3.75 -8.53 2.23
CA CYS A 63 3.44 -9.96 2.33
C CYS A 63 1.97 -10.21 2.02
N LYS A 64 1.73 -11.11 1.07
CA LYS A 64 0.39 -11.55 0.72
C LYS A 64 0.16 -12.99 1.16
N THR A 65 0.98 -13.90 0.66
CA THR A 65 1.04 -15.29 1.12
C THR A 65 2.51 -15.61 1.32
N PRO A 66 2.83 -16.75 2.00
CA PRO A 66 4.24 -17.12 2.21
C PRO A 66 5.15 -16.92 1.00
N ASP A 67 4.63 -17.11 -0.21
CA ASP A 67 5.43 -16.97 -1.42
C ASP A 67 4.92 -15.87 -2.36
N THR A 68 3.97 -15.04 -1.95
CA THR A 68 3.47 -13.98 -2.80
C THR A 68 3.41 -12.65 -2.05
N MET A 69 3.66 -11.57 -2.78
CA MET A 69 3.65 -10.22 -2.24
C MET A 69 2.74 -9.34 -3.09
N ASP A 70 2.15 -8.32 -2.46
CA ASP A 70 1.41 -7.28 -3.16
C ASP A 70 2.39 -6.19 -3.61
N VAL A 71 2.12 -5.60 -4.76
CA VAL A 71 3.04 -4.67 -5.40
C VAL A 71 2.32 -3.36 -5.67
N ASP A 72 2.87 -2.26 -5.16
CA ASP A 72 2.34 -0.92 -5.35
C ASP A 72 3.51 0.02 -5.62
N ILE A 73 3.63 0.50 -6.85
CA ILE A 73 4.73 1.37 -7.26
C ILE A 73 4.15 2.60 -7.95
N THR A 74 4.78 3.76 -7.71
CA THR A 74 4.39 5.01 -8.34
C THR A 74 5.58 5.59 -9.10
N TYR A 75 5.33 6.08 -10.31
CA TYR A 75 6.37 6.64 -11.18
C TYR A 75 6.12 8.13 -11.37
N PRO A 76 6.68 8.99 -10.51
CA PRO A 76 6.42 10.43 -10.67
C PRO A 76 6.90 10.99 -12.00
N SER A 77 8.04 10.51 -12.51
CA SER A 77 8.56 10.99 -13.79
C SER A 77 7.74 10.52 -14.98
N LEU A 78 6.71 9.72 -14.77
CA LEU A 78 5.83 9.30 -15.86
C LEU A 78 4.38 9.68 -15.57
N GLY A 79 4.16 10.94 -15.20
CA GLY A 79 2.83 11.41 -14.89
C GLY A 79 2.21 10.79 -13.66
N ASN A 80 3.03 10.36 -12.71
CA ASN A 80 2.56 9.73 -11.47
C ASN A 80 1.66 8.52 -11.77
N MET A 81 1.98 7.79 -12.83
CA MET A 81 1.28 6.55 -13.12
C MET A 81 1.70 5.48 -12.13
N LYS A 82 0.82 4.50 -11.92
CA LYS A 82 1.00 3.48 -10.90
C LYS A 82 1.12 2.10 -11.55
N VAL A 83 1.86 1.23 -10.89
CA VAL A 83 1.93 -0.19 -11.22
C VAL A 83 1.54 -0.98 -9.98
N GLN A 84 0.43 -1.69 -10.06
CA GLN A 84 -0.04 -2.56 -8.99
C GLN A 84 -0.05 -3.99 -9.50
N GLY A 85 0.30 -4.93 -8.63
CA GLY A 85 0.32 -6.32 -9.05
C GLY A 85 0.69 -7.26 -7.92
N GLN A 86 1.20 -8.43 -8.31
CA GLN A 86 1.57 -9.48 -7.38
C GLN A 86 2.89 -10.09 -7.78
N LEU A 87 3.80 -10.24 -6.82
CA LEU A 87 5.07 -10.93 -7.04
C LEU A 87 4.95 -12.35 -6.50
N THR A 88 5.31 -13.33 -7.34
CA THR A 88 5.21 -14.75 -6.98
C THR A 88 6.61 -15.33 -6.91
N LEU A 89 6.95 -15.93 -5.77
CA LEU A 89 8.23 -16.60 -5.61
C LEU A 89 8.24 -17.88 -6.45
N ASP A 90 9.10 -17.92 -7.46
CA ASP A 90 9.31 -19.12 -8.25
C ASP A 90 10.55 -19.89 -7.81
N SER A 91 11.63 -19.17 -7.50
CA SER A 91 12.84 -19.77 -6.95
C SER A 91 13.60 -18.68 -6.22
N PRO A 92 14.54 -19.04 -5.34
CA PRO A 92 15.34 -18.01 -4.65
C PRO A 92 16.08 -17.06 -5.59
N THR A 93 16.16 -17.37 -6.88
CA THR A 93 16.80 -16.50 -7.85
C THR A 93 15.84 -15.94 -8.89
N GLN A 94 14.54 -16.19 -8.75
CA GLN A 94 13.59 -15.73 -9.75
C GLN A 94 12.21 -15.53 -9.14
N PHE A 95 11.65 -14.33 -9.35
CA PHE A 95 10.27 -14.01 -9.01
C PHE A 95 9.48 -13.76 -10.29
N LYS A 96 8.17 -13.96 -10.22
CA LYS A 96 7.27 -13.69 -11.33
C LYS A 96 6.33 -12.55 -10.95
N PHE A 97 6.03 -11.68 -11.91
CA PHE A 97 5.17 -10.53 -11.69
C PHE A 97 3.98 -10.58 -12.63
N ASP A 98 2.81 -10.31 -12.08
CA ASP A 98 1.58 -10.15 -12.86
C ASP A 98 0.82 -8.97 -12.27
N GLY A 99 0.51 -7.98 -13.09
CA GLY A 99 -0.14 -6.80 -12.57
C GLY A 99 -0.74 -5.93 -13.66
N THR A 100 -1.03 -4.68 -13.29
CA THR A 100 -1.64 -3.71 -14.19
C THR A 100 -1.03 -2.34 -13.94
N THR A 101 -1.15 -1.47 -14.94
CA THR A 101 -0.82 -0.07 -14.78
C THR A 101 -2.06 0.74 -14.42
N SER A 102 -1.84 2.03 -14.11
CA SER A 102 -2.95 2.92 -13.82
C SER A 102 -3.81 3.20 -15.05
N ASP A 103 -3.26 3.01 -16.25
CA ASP A 103 -4.00 3.21 -17.49
C ASP A 103 -4.76 1.98 -17.94
N GLY A 104 -4.46 0.81 -17.38
CA GLY A 104 -5.15 -0.42 -17.73
C GLY A 104 -4.31 -1.46 -18.44
N SER A 105 -3.03 -1.19 -18.69
CA SER A 105 -2.13 -2.16 -19.32
C SER A 105 -1.98 -3.40 -18.45
N LYS A 106 -2.27 -4.56 -19.01
CA LYS A 106 -1.98 -5.83 -18.32
C LYS A 106 -0.51 -6.17 -18.51
N LEU A 107 0.22 -6.31 -17.41
CA LEU A 107 1.66 -6.53 -17.45
C LEU A 107 2.02 -7.87 -16.84
N THR A 108 3.05 -8.50 -17.42
CA THR A 108 3.71 -9.66 -16.83
C THR A 108 5.21 -9.43 -16.88
N GLY A 109 5.93 -9.97 -15.90
CA GLY A 109 7.35 -9.70 -15.83
C GLY A 109 8.09 -10.81 -15.10
N THR A 110 9.42 -10.79 -15.26
CA THR A 110 10.30 -11.73 -14.59
C THR A 110 11.41 -10.96 -13.87
N LEU A 111 11.67 -11.37 -12.63
CA LEU A 111 12.73 -10.81 -11.80
C LEU A 111 13.80 -11.88 -11.63
N GLN A 112 14.99 -11.61 -12.17
CA GLN A 112 16.12 -12.52 -12.10
C GLN A 112 17.15 -11.95 -11.13
N ARG A 113 17.54 -12.75 -10.15
CA ARG A 113 18.45 -12.28 -9.11
C ARG A 113 19.75 -11.76 -9.71
N GLN A 114 20.13 -10.55 -9.34
CA GLN A 114 21.40 -9.95 -9.73
C GLN A 114 22.25 -9.80 -8.47
N GLU A 115 23.32 -10.57 -8.38
CA GLU A 115 24.23 -10.50 -7.24
C GLU A 115 24.90 -9.12 -7.20
N SER B 2 -7.27 -14.75 11.76
CA SER B 2 -6.07 -15.50 11.45
C SER B 2 -5.00 -14.60 10.84
N SER B 3 -4.85 -13.39 11.37
CA SER B 3 -3.90 -12.44 10.82
C SER B 3 -2.52 -12.66 11.41
N MET B 4 -1.55 -11.90 10.90
CA MET B 4 -0.16 -12.00 11.33
C MET B 4 0.25 -10.88 12.28
N CYS B 5 -0.68 -10.02 12.68
CA CYS B 5 -0.41 -9.01 13.70
C CYS B 5 -1.72 -8.69 14.42
N ARG B 6 -1.60 -8.47 15.74
CA ARG B 6 -2.78 -8.32 16.59
C ARG B 6 -3.72 -7.23 16.08
N ALA B 7 -3.17 -6.09 15.65
CA ALA B 7 -3.99 -5.00 15.16
C ALA B 7 -4.86 -5.45 13.99
N ALA B 8 -4.29 -6.20 13.04
CA ALA B 8 -5.07 -6.71 11.92
C ALA B 8 -6.14 -7.69 12.40
N SER B 9 -5.88 -8.40 13.50
CA SER B 9 -6.89 -9.31 14.04
C SER B 9 -8.04 -8.56 14.69
N LEU B 10 -7.78 -7.37 15.25
CA LEU B 10 -8.81 -6.62 15.96
C LEU B 10 -9.50 -5.55 15.10
N LEU B 11 -8.96 -5.24 13.92
CA LEU B 11 -9.49 -4.18 13.07
C LEU B 11 -10.80 -4.49 12.32
N PRO B 12 -11.06 -5.73 11.89
CA PRO B 12 -12.26 -5.97 11.05
C PRO B 12 -13.53 -5.44 11.68
N GLY B 13 -14.34 -4.76 10.88
CA GLY B 13 -15.61 -4.22 11.34
C GLY B 13 -15.77 -2.73 11.11
N THR B 14 -16.71 -2.11 11.82
CA THR B 14 -17.04 -0.71 11.62
C THR B 14 -16.57 0.12 12.82
N TRP B 15 -16.00 1.28 12.54
CA TRP B 15 -15.46 2.16 13.57
C TRP B 15 -15.98 3.58 13.36
N GLN B 16 -16.46 4.20 14.44
CA GLN B 16 -16.77 5.62 14.44
C GLN B 16 -15.47 6.40 14.56
N VAL B 17 -15.16 7.21 13.56
CA VAL B 17 -13.87 7.86 13.42
C VAL B 17 -14.04 9.35 13.65
N THR B 18 -13.20 9.93 14.50
CA THR B 18 -13.15 11.37 14.72
C THR B 18 -11.75 11.88 14.41
N MET B 19 -11.66 12.90 13.57
CA MET B 19 -10.39 13.42 13.08
C MET B 19 -10.24 14.90 13.44
N THR B 20 -9.00 15.31 13.65
CA THR B 20 -8.63 16.69 13.96
C THR B 20 -7.33 17.00 13.23
N ASN B 21 -7.27 18.16 12.57
CA ASN B 21 -6.07 18.57 11.88
C ASN B 21 -5.28 19.57 12.72
N GLU B 22 -4.22 20.13 12.14
CA GLU B 22 -3.36 21.06 12.87
C GLU B 22 -4.05 22.38 13.15
N ASP B 23 -4.96 22.81 12.28
CA ASP B 23 -5.65 24.09 12.43
C ASP B 23 -6.94 23.97 13.23
N GLY B 24 -7.12 22.88 13.97
CA GLY B 24 -8.28 22.73 14.83
C GLY B 24 -9.55 22.25 14.15
N GLN B 25 -9.54 22.09 12.84
CA GLN B 25 -10.71 21.56 12.15
C GLN B 25 -10.89 20.09 12.48
N THR B 26 -12.15 19.68 12.62
CA THR B 26 -12.50 18.31 12.93
C THR B 26 -13.41 17.73 11.86
N SER B 27 -13.56 16.42 11.90
CA SER B 27 -14.49 15.71 11.04
C SER B 27 -14.83 14.39 11.70
N GLN B 28 -15.89 13.76 11.22
CA GLN B 28 -16.31 12.48 11.78
C GLN B 28 -16.93 11.63 10.69
N GLY B 29 -16.95 10.32 10.94
CA GLY B 29 -17.53 9.40 9.99
C GLY B 29 -17.38 7.97 10.40
N GLN B 30 -17.39 7.05 9.44
CA GLN B 30 -17.24 5.64 9.69
C GLN B 30 -16.12 5.08 8.84
N MET B 31 -15.45 4.06 9.37
CA MET B 31 -14.43 3.32 8.64
C MET B 31 -14.71 1.84 8.77
N HIS B 32 -14.82 1.16 7.64
CA HIS B 32 -15.13 -0.26 7.60
C HIS B 32 -13.89 -1.02 7.12
N PHE B 33 -13.51 -2.06 7.87
CA PHE B 33 -12.34 -2.87 7.57
C PHE B 33 -12.80 -4.29 7.27
N GLN B 34 -12.37 -4.81 6.12
CA GLN B 34 -12.63 -6.18 5.72
C GLN B 34 -11.32 -6.90 5.47
N PRO B 35 -11.17 -8.13 5.96
CA PRO B 35 -9.91 -8.85 5.77
C PRO B 35 -9.62 -9.11 4.31
N ARG B 36 -8.40 -8.76 3.90
CA ARG B 36 -7.90 -9.04 2.55
C ARG B 36 -6.80 -10.08 2.54
N SER B 37 -5.91 -10.04 3.54
CA SER B 37 -4.84 -11.03 3.68
C SER B 37 -4.40 -11.02 5.13
N PRO B 38 -3.74 -12.09 5.60
CA PRO B 38 -3.25 -12.10 6.99
C PRO B 38 -2.38 -10.91 7.35
N TYR B 39 -1.97 -10.10 6.37
CA TYR B 39 -1.15 -8.93 6.60
C TYR B 39 -1.84 -7.62 6.25
N THR B 40 -2.96 -7.64 5.53
CA THR B 40 -3.59 -6.42 5.05
C THR B 40 -5.11 -6.53 5.17
N LEU B 41 -5.73 -5.36 5.29
CA LEU B 41 -7.18 -5.23 5.25
C LEU B 41 -7.55 -4.10 4.30
N ASP B 42 -8.73 -4.21 3.69
CA ASP B 42 -9.29 -3.12 2.90
C ASP B 42 -10.09 -2.20 3.80
N VAL B 43 -9.93 -0.89 3.62
CA VAL B 43 -10.61 0.10 4.43
C VAL B 43 -11.49 0.96 3.54
N LYS B 44 -12.73 1.18 3.98
CA LYS B 44 -13.67 2.07 3.32
C LYS B 44 -14.05 3.15 4.32
N ALA B 45 -13.80 4.40 3.97
CA ALA B 45 -14.11 5.55 4.81
C ALA B 45 -15.31 6.29 4.25
N GLN B 46 -16.29 6.57 5.10
CA GLN B 46 -17.47 7.32 4.72
C GLN B 46 -17.63 8.49 5.68
N GLY B 47 -18.03 9.64 5.12
CA GLY B 47 -18.20 10.83 5.92
C GLY B 47 -19.02 11.87 5.18
N THR B 48 -19.11 13.05 5.79
CA THR B 48 -19.91 14.13 5.24
C THR B 48 -19.21 15.46 5.45
N ILE B 49 -19.15 16.28 4.40
CA ILE B 49 -18.60 17.61 4.47
C ILE B 49 -19.74 18.62 4.27
N SER B 50 -19.49 19.83 4.76
CA SER B 50 -20.37 21.01 4.68
C SER B 50 -21.84 20.72 4.40
N ASP B 51 -22.61 20.47 5.46
CA ASP B 51 -24.07 20.40 5.41
C ASP B 51 -24.59 19.35 4.43
N GLY B 52 -24.14 18.12 4.60
CA GLY B 52 -24.78 17.00 3.93
C GLY B 52 -23.98 16.31 2.85
N ARG B 53 -22.96 16.96 2.28
CA ARG B 53 -22.28 16.40 1.12
C ARG B 53 -21.62 15.08 1.47
N PRO B 54 -22.01 13.96 0.87
CA PRO B 54 -21.33 12.69 1.16
C PRO B 54 -19.95 12.65 0.54
N ILE B 55 -19.01 12.08 1.29
CA ILE B 55 -17.63 11.95 0.85
C ILE B 55 -17.13 10.56 1.23
N SER B 56 -16.43 9.91 0.31
CA SER B 56 -15.93 8.56 0.56
C SER B 56 -14.46 8.46 0.18
N GLY B 57 -13.80 7.46 0.75
CA GLY B 57 -12.43 7.12 0.42
C GLY B 57 -12.22 5.63 0.58
N LYS B 58 -11.18 5.13 -0.06
CA LYS B 58 -10.86 3.71 0.00
C LYS B 58 -9.35 3.52 0.07
N GLY B 59 -8.95 2.44 0.71
CA GLY B 59 -7.53 2.13 0.78
C GLY B 59 -7.28 0.80 1.44
N LYS B 60 -6.08 0.66 1.99
CA LYS B 60 -5.66 -0.57 2.65
C LYS B 60 -4.82 -0.24 3.87
N VAL B 61 -4.87 -1.13 4.86
CA VAL B 61 -4.04 -1.05 6.05
C VAL B 61 -3.16 -2.30 6.10
N THR B 62 -1.90 -2.11 6.48
CA THR B 62 -0.89 -3.15 6.43
C THR B 62 -0.22 -3.28 7.80
N CYS B 63 0.00 -4.52 8.24
CA CYS B 63 0.72 -4.78 9.48
C CYS B 63 2.07 -4.05 9.47
N LYS B 64 2.30 -3.25 10.50
CA LYS B 64 3.58 -2.57 10.70
C LYS B 64 4.33 -3.15 11.89
N THR B 65 3.72 -3.14 13.06
CA THR B 65 4.18 -3.84 14.25
C THR B 65 2.99 -4.58 14.82
N PRO B 66 3.22 -5.51 15.78
CA PRO B 66 2.10 -6.27 16.36
C PRO B 66 0.86 -5.44 16.71
N ASP B 67 1.05 -4.18 17.11
CA ASP B 67 -0.07 -3.32 17.47
C ASP B 67 -0.19 -2.08 16.60
N THR B 68 0.56 -1.96 15.50
CA THR B 68 0.47 -0.80 14.63
C THR B 68 0.35 -1.23 13.17
N MET B 69 -0.41 -0.44 12.40
CA MET B 69 -0.63 -0.67 10.99
C MET B 69 -0.28 0.59 10.20
N ASP B 70 0.12 0.39 8.94
CA ASP B 70 0.31 1.48 8.01
C ASP B 70 -1.01 1.78 7.31
N VAL B 71 -1.25 3.06 7.03
CA VAL B 71 -2.53 3.53 6.53
C VAL B 71 -2.32 4.32 5.25
N ASP B 72 -2.99 3.91 4.17
CA ASP B 72 -2.94 4.58 2.87
C ASP B 72 -4.36 4.61 2.33
N ILE B 73 -4.97 5.79 2.29
CA ILE B 73 -6.34 5.95 1.81
C ILE B 73 -6.38 7.05 0.77
N THR B 74 -7.21 6.88 -0.25
CA THR B 74 -7.40 7.86 -1.31
C THR B 74 -8.87 8.26 -1.38
N TYR B 75 -9.12 9.55 -1.54
CA TYR B 75 -10.48 10.11 -1.57
C TYR B 75 -10.75 10.69 -2.96
N PRO B 76 -11.28 9.89 -3.89
CA PRO B 76 -11.52 10.41 -5.25
C PRO B 76 -12.47 11.61 -5.28
N SER B 77 -13.49 11.62 -4.43
CA SER B 77 -14.43 12.74 -4.40
C SER B 77 -13.81 14.01 -3.82
N LEU B 78 -12.55 13.96 -3.38
CA LEU B 78 -11.86 15.16 -2.91
C LEU B 78 -10.58 15.36 -3.70
N GLY B 79 -10.68 15.31 -5.03
CA GLY B 79 -9.51 15.49 -5.88
C GLY B 79 -8.47 14.42 -5.74
N ASN B 80 -8.87 13.20 -5.34
CA ASN B 80 -7.95 12.08 -5.13
C ASN B 80 -6.84 12.45 -4.15
N MET B 81 -7.18 13.23 -3.14
CA MET B 81 -6.24 13.52 -2.07
C MET B 81 -6.04 12.27 -1.22
N LYS B 82 -4.89 12.20 -0.56
CA LYS B 82 -4.48 11.00 0.16
C LYS B 82 -4.36 11.28 1.65
N VAL B 83 -4.62 10.24 2.43
CA VAL B 83 -4.36 10.23 3.87
C VAL B 83 -3.44 9.06 4.16
N GLN B 84 -2.23 9.35 4.61
CA GLN B 84 -1.27 8.34 5.02
C GLN B 84 -0.98 8.49 6.50
N GLY B 85 -0.81 7.38 7.19
CA GLY B 85 -0.55 7.46 8.62
C GLY B 85 -0.33 6.10 9.24
N GLN B 86 -0.56 6.03 10.54
CA GLN B 86 -0.36 4.81 11.31
C GLN B 86 -1.51 4.64 12.28
N LEU B 87 -2.05 3.42 12.35
CA LEU B 87 -3.08 3.07 13.31
C LEU B 87 -2.44 2.33 14.47
N THR B 88 -2.71 2.79 15.70
CA THR B 88 -2.13 2.22 16.90
C THR B 88 -3.22 1.58 17.74
N LEU B 89 -3.04 0.30 18.07
CA LEU B 89 -3.98 -0.40 18.93
C LEU B 89 -3.90 0.14 20.35
N ASP B 90 -4.98 0.77 20.82
CA ASP B 90 -5.10 1.21 22.19
C ASP B 90 -5.89 0.23 23.04
N SER B 91 -6.98 -0.30 22.50
CA SER B 91 -7.78 -1.33 23.15
C SER B 91 -8.57 -2.05 22.07
N PRO B 92 -9.08 -3.26 22.36
CA PRO B 92 -9.91 -3.95 21.36
C PRO B 92 -11.11 -3.15 20.87
N THR B 93 -11.46 -2.04 21.53
CA THR B 93 -12.57 -1.20 21.10
C THR B 93 -12.12 0.19 20.66
N GLN B 94 -10.81 0.46 20.60
CA GLN B 94 -10.35 1.79 20.25
C GLN B 94 -8.97 1.74 19.63
N PHE B 95 -8.84 2.35 18.45
CA PHE B 95 -7.56 2.57 17.80
C PHE B 95 -7.26 4.07 17.76
N LYS B 96 -5.98 4.40 17.68
CA LYS B 96 -5.53 5.78 17.55
C LYS B 96 -4.86 5.98 16.20
N PHE B 97 -5.09 7.15 15.61
CA PHE B 97 -4.55 7.47 14.30
C PHE B 97 -3.67 8.70 14.38
N ASP B 98 -2.51 8.63 13.75
CA ASP B 98 -1.61 9.77 13.59
C ASP B 98 -1.10 9.76 12.15
N GLY B 99 -1.32 10.84 11.43
CA GLY B 99 -0.91 10.88 10.04
C GLY B 99 -0.93 12.26 9.47
N THR B 100 -0.89 12.32 8.14
CA THR B 100 -0.89 13.57 7.40
C THR B 100 -1.72 13.41 6.13
N THR B 101 -2.15 14.54 5.58
CA THR B 101 -2.76 14.55 4.27
C THR B 101 -1.70 14.81 3.20
N SER B 102 -2.10 14.70 1.94
CA SER B 102 -1.20 14.97 0.84
C SER B 102 -0.81 16.44 0.76
N ASP B 103 -1.60 17.33 1.34
CA ASP B 103 -1.31 18.76 1.35
C ASP B 103 -0.41 19.18 2.51
N GLY B 104 -0.24 18.33 3.52
CA GLY B 104 0.62 18.63 4.64
C GLY B 104 -0.10 18.81 5.96
N SER B 105 -1.42 18.76 5.98
CA SER B 105 -2.17 18.86 7.23
C SER B 105 -1.86 17.66 8.12
N LYS B 106 -1.40 17.93 9.34
CA LYS B 106 -1.18 16.89 10.34
C LYS B 106 -2.49 16.55 11.02
N LEU B 107 -2.87 15.27 10.96
CA LEU B 107 -4.13 14.81 11.54
C LEU B 107 -3.87 13.80 12.65
N THR B 108 -4.75 13.84 13.65
CA THR B 108 -4.84 12.82 14.68
C THR B 108 -6.31 12.40 14.75
N GLY B 109 -6.54 11.14 15.11
CA GLY B 109 -7.91 10.65 15.10
C GLY B 109 -8.11 9.51 16.08
N THR B 110 -9.38 9.22 16.35
CA THR B 110 -9.77 8.13 17.23
C THR B 110 -10.79 7.26 16.53
N LEU B 111 -10.60 5.95 16.61
CA LEU B 111 -11.51 4.95 16.06
C LEU B 111 -12.16 4.22 17.22
N GLN B 112 -13.46 4.36 17.36
CA GLN B 112 -14.23 3.73 18.43
C GLN B 112 -15.07 2.60 17.84
N ARG B 113 -14.93 1.41 18.41
CA ARG B 113 -15.61 0.24 17.88
C ARG B 113 -17.12 0.46 17.82
N GLN B 114 -17.70 0.22 16.65
CA GLN B 114 -19.14 0.27 16.45
C GLN B 114 -19.61 -1.14 16.11
N GLU B 115 -20.38 -1.74 17.01
CA GLU B 115 -20.91 -3.08 16.77
C GLU B 115 -21.87 -3.05 15.59
#